data_2Q9M
#
_entry.id   2Q9M
#
_cell.length_a   76.652
_cell.length_b   69.776
_cell.length_c   62.818
_cell.angle_alpha   90
_cell.angle_beta   90
_cell.angle_gamma   90
#
_symmetry.space_group_name_H-M   'P 21 21 2'
#
loop_
_entity.id
_entity.type
_entity.pdbx_description
1 polymer Beta-lactamase
2 non-polymer '(1R,4S,7AS)-1-(1-FORMYLPROP-1-EN-1-YL)-4-METHOXY-2,4,5,6,7,7A-HEXAHYDRO-1H-ISOINDOLE-3-CARBOXYLIC ACID'
3 water water
#
_entity_poly.entity_id   1
_entity_poly.type   'polypeptide(L)'
_entity_poly.pdbx_seq_one_letter_code
;PVSEKQLAEVVANTITPLMKAQSVPGMAVAVIYQGKPHYYTFGKADIAANKPVTPQTLFELGSISKTFTGVLGGDAIARG
EISLDDAVTRYWPQLTGKQWQGIRMLDLATYTAGGLPLQVPDEVTDNASLLRFYQNWQPQWKPGTTRLYANASIGLFGAL
AVKPSGMPYEQAMTTRVLKPLKLDHTWINVPKAEEAHYAWGYRDGKAVRVSPGMLDAQAYGVKTNVQDMANWVMANMAPE
NVADASLKQGIALAQSRYWRIGSMYQGLGWEMLNWPVEANTVVEGSDSKVALAPLPVAEVNPPAPPVKASWVHKTGSTGG
FGSYVAFIPEKQIGIVMLANTSYPNPARVEAAYHILEAL
;
_entity_poly.pdbx_strand_id   A
#
# COMPACT_ATOMS: atom_id res chain seq x y z
N PRO A 1 16.14 -26.57 8.07
CA PRO A 1 15.39 -25.42 7.57
C PRO A 1 15.09 -25.54 6.06
N VAL A 2 14.91 -24.41 5.39
CA VAL A 2 14.67 -24.42 3.95
C VAL A 2 15.97 -24.02 3.25
N SER A 3 16.31 -24.81 2.24
CA SER A 3 17.50 -24.62 1.42
C SER A 3 17.26 -23.54 0.37
N GLU A 4 18.31 -22.85 -0.07
CA GLU A 4 18.15 -21.84 -1.12
C GLU A 4 17.64 -22.55 -2.38
N LYS A 5 18.23 -23.70 -2.67
CA LYS A 5 17.85 -24.54 -3.80
C LYS A 5 16.36 -24.87 -3.74
N GLN A 6 15.89 -25.26 -2.55
CA GLN A 6 14.49 -25.60 -2.36
C GLN A 6 13.59 -24.39 -2.52
N LEU A 7 14.03 -23.27 -1.97
CA LEU A 7 13.24 -22.04 -2.09
C LEU A 7 13.09 -21.63 -3.55
N ALA A 8 14.15 -21.82 -4.33
CA ALA A 8 14.10 -21.43 -5.73
C ALA A 8 13.08 -22.30 -6.47
N GLU A 9 13.02 -23.58 -6.10
CA GLU A 9 12.06 -24.50 -6.71
C GLU A 9 10.64 -24.13 -6.32
N VAL A 10 10.44 -23.80 -5.05
CA VAL A 10 9.10 -23.42 -4.55
C VAL A 10 8.64 -22.19 -5.30
N VAL A 11 9.50 -21.18 -5.40
CA VAL A 11 9.15 -19.97 -6.12
C VAL A 11 8.89 -20.22 -7.61
N ALA A 12 9.73 -21.01 -8.26
CA ALA A 12 9.55 -21.25 -9.70
C ALA A 12 8.31 -22.07 -10.02
N ASN A 13 8.07 -23.08 -9.21
CA ASN A 13 6.94 -23.97 -9.41
C ASN A 13 5.61 -23.35 -9.08
N THR A 14 5.64 -22.26 -8.32
CA THR A 14 4.43 -21.53 -7.95
C THR A 14 4.22 -20.38 -8.96
N ILE A 15 5.27 -19.61 -9.21
CA ILE A 15 5.19 -18.46 -10.11
C ILE A 15 5.05 -18.80 -11.61
N THR A 16 5.77 -19.81 -12.10
CA THR A 16 5.67 -20.12 -13.53
C THR A 16 4.23 -20.48 -13.97
N PRO A 17 3.51 -21.34 -13.21
CA PRO A 17 2.13 -21.70 -13.59
C PRO A 17 1.20 -20.50 -13.52
N LEU A 18 1.39 -19.65 -12.50
CA LEU A 18 0.58 -18.44 -12.32
C LEU A 18 0.69 -17.55 -13.55
N MET A 19 1.92 -17.21 -13.96
CA MET A 19 2.11 -16.35 -15.12
C MET A 19 1.42 -16.90 -16.36
N LYS A 20 1.59 -18.19 -16.60
CA LYS A 20 0.96 -18.83 -17.75
C LYS A 20 -0.58 -18.80 -17.66
N ALA A 21 -1.13 -19.13 -16.50
CA ALA A 21 -2.59 -19.14 -16.34
C ALA A 21 -3.21 -17.75 -16.41
N GLN A 22 -2.54 -16.78 -15.82
CA GLN A 22 -3.00 -15.40 -15.79
C GLN A 22 -2.43 -14.53 -16.91
N SER A 23 -1.66 -15.14 -17.81
CA SER A 23 -1.03 -14.48 -18.94
C SER A 23 -0.30 -13.17 -18.62
N VAL A 24 0.58 -13.26 -17.63
CA VAL A 24 1.38 -12.13 -17.15
C VAL A 24 2.73 -12.15 -17.86
N PRO A 25 3.07 -11.06 -18.56
CA PRO A 25 4.35 -10.95 -19.31
C PRO A 25 5.58 -11.05 -18.43
N GLY A 26 5.60 -10.26 -17.36
CA GLY A 26 6.75 -10.25 -16.48
C GLY A 26 6.43 -10.19 -15.00
N MET A 27 7.36 -10.66 -14.20
CA MET A 27 7.17 -10.68 -12.76
C MET A 27 8.50 -10.59 -12.01
N ALA A 28 8.52 -9.83 -10.92
CA ALA A 28 9.71 -9.74 -10.10
C ALA A 28 9.24 -10.08 -8.70
N VAL A 29 9.93 -11.01 -8.06
CA VAL A 29 9.60 -11.50 -6.73
C VAL A 29 10.81 -11.42 -5.78
N ALA A 30 10.53 -11.05 -4.54
CA ALA A 30 11.56 -11.01 -3.51
C ALA A 30 10.94 -11.77 -2.36
N VAL A 31 11.70 -12.70 -1.82
CA VAL A 31 11.27 -13.50 -0.68
C VAL A 31 12.21 -13.19 0.46
N ILE A 32 11.67 -12.69 1.57
CA ILE A 32 12.50 -12.40 2.74
C ILE A 32 12.51 -13.64 3.63
N TYR A 33 13.71 -14.10 3.95
CA TYR A 33 13.90 -15.31 4.73
C TYR A 33 15.28 -15.32 5.35
N GLN A 34 15.34 -15.55 6.66
CA GLN A 34 16.60 -15.62 7.38
C GLN A 34 17.45 -14.36 7.26
N GLY A 35 16.79 -13.23 7.49
CA GLY A 35 17.43 -11.93 7.45
C GLY A 35 17.90 -11.39 6.11
N LYS A 36 17.55 -12.07 5.01
CA LYS A 36 18.02 -11.67 3.69
C LYS A 36 16.91 -11.75 2.63
N PRO A 37 16.97 -10.88 1.60
CA PRO A 37 15.93 -10.96 0.57
C PRO A 37 16.51 -11.82 -0.53
N HIS A 38 15.67 -12.55 -1.26
CA HIS A 38 16.13 -13.41 -2.34
C HIS A 38 15.29 -13.00 -3.52
N TYR A 39 15.95 -12.74 -4.65
CA TYR A 39 15.27 -12.26 -5.82
C TYR A 39 15.08 -13.27 -6.94
N TYR A 40 13.91 -13.19 -7.58
CA TYR A 40 13.57 -14.05 -8.69
C TYR A 40 12.86 -13.18 -9.72
N THR A 41 13.31 -13.23 -10.97
CA THR A 41 12.72 -12.42 -12.01
C THR A 41 12.27 -13.33 -13.12
N PHE A 42 11.19 -12.94 -13.80
CA PHE A 42 10.65 -13.74 -14.89
C PHE A 42 10.07 -12.91 -16.00
N GLY A 43 10.15 -13.44 -17.21
CA GLY A 43 9.57 -12.78 -18.35
C GLY A 43 10.06 -11.41 -18.77
N LYS A 44 9.14 -10.68 -19.39
CA LYS A 44 9.40 -9.36 -19.97
C LYS A 44 8.78 -8.14 -19.30
N ALA A 45 9.52 -7.04 -19.34
CA ALA A 45 9.11 -5.76 -18.80
C ALA A 45 8.47 -4.96 -19.93
N ASP A 46 8.92 -5.25 -21.15
CA ASP A 46 8.42 -4.58 -22.34
C ASP A 46 8.53 -5.61 -23.48
N ILE A 47 7.36 -6.04 -23.95
CA ILE A 47 7.28 -7.03 -25.03
C ILE A 47 7.83 -6.52 -26.34
N ALA A 48 7.33 -5.38 -26.78
CA ALA A 48 7.76 -4.76 -28.04
C ALA A 48 9.28 -4.68 -28.12
N ALA A 49 9.91 -4.16 -27.06
CA ALA A 49 11.37 -4.03 -27.03
C ALA A 49 12.13 -5.31 -26.66
N ASN A 50 11.41 -6.32 -26.18
CA ASN A 50 12.02 -7.58 -25.75
C ASN A 50 12.94 -7.36 -24.54
N LYS A 51 12.54 -6.48 -23.63
CA LYS A 51 13.32 -6.20 -22.42
C LYS A 51 12.91 -7.10 -21.26
N PRO A 52 13.86 -7.87 -20.69
CA PRO A 52 13.56 -8.75 -19.56
C PRO A 52 13.36 -8.01 -18.24
N VAL A 53 12.58 -8.61 -17.36
CA VAL A 53 12.37 -8.08 -16.02
C VAL A 53 13.70 -8.30 -15.29
N THR A 54 14.15 -7.31 -14.53
CA THR A 54 15.41 -7.43 -13.78
C THR A 54 15.16 -6.82 -12.41
N PRO A 55 16.10 -7.03 -11.46
CA PRO A 55 15.89 -6.47 -10.13
C PRO A 55 15.85 -4.92 -10.09
N GLN A 56 16.08 -4.29 -11.24
CA GLN A 56 16.06 -2.83 -11.40
C GLN A 56 14.76 -2.35 -12.11
N THR A 57 13.94 -3.28 -12.61
CA THR A 57 12.72 -2.90 -13.32
C THR A 57 11.73 -2.21 -12.37
N LEU A 58 11.15 -1.11 -12.84
CA LEU A 58 10.18 -0.30 -12.09
C LEU A 58 8.75 -0.75 -12.41
N PHE A 59 7.98 -1.05 -11.36
CA PHE A 59 6.60 -1.49 -11.47
C PHE A 59 5.74 -0.49 -10.73
N GLU A 60 4.52 -0.28 -11.19
CA GLU A 60 3.58 0.62 -10.52
C GLU A 60 2.97 -0.19 -9.35
N LEU A 61 3.04 0.38 -8.15
CA LEU A 61 2.53 -0.27 -6.93
C LEU A 61 1.03 -0.13 -6.70
N GLY A 62 0.44 0.85 -7.40
CA GLY A 62 -0.99 1.07 -7.25
C GLY A 62 -1.28 1.41 -5.81
N SER A 63 -2.24 0.75 -5.20
CA SER A 63 -2.59 1.05 -3.81
C SER A 63 -1.55 0.70 -2.76
N ILE A 64 -0.53 -0.10 -3.11
CA ILE A 64 0.49 -0.41 -2.12
C ILE A 64 1.21 0.89 -1.76
N SER A 65 1.00 1.92 -2.57
CA SER A 65 1.53 3.26 -2.28
C SER A 65 0.98 3.76 -0.93
N LYS A 66 -0.19 3.25 -0.53
CA LYS A 66 -0.80 3.67 0.72
C LYS A 66 -0.01 3.26 1.96
N THR A 67 0.87 2.27 1.84
CA THR A 67 1.68 1.85 2.97
C THR A 67 2.71 2.96 3.23
N PHE A 68 3.22 3.58 2.16
CA PHE A 68 4.18 4.68 2.29
C PHE A 68 3.43 5.88 2.90
N THR A 69 2.20 6.09 2.45
CA THR A 69 1.36 7.18 2.97
C THR A 69 1.14 6.99 4.47
N GLY A 70 0.80 5.78 4.87
CA GLY A 70 0.59 5.51 6.29
C GLY A 70 1.82 5.75 7.14
N VAL A 71 2.97 5.23 6.70
CA VAL A 71 4.21 5.39 7.46
C VAL A 71 4.62 6.86 7.57
N LEU A 72 4.47 7.59 6.47
CA LEU A 72 4.78 9.03 6.46
C LEU A 72 3.87 9.72 7.47
N GLY A 73 2.61 9.31 7.53
CA GLY A 73 1.71 9.90 8.49
C GLY A 73 2.08 9.55 9.93
N GLY A 74 2.47 8.30 10.14
CA GLY A 74 2.83 7.84 11.46
C GLY A 74 4.03 8.59 11.97
N ASP A 75 4.96 8.85 11.06
CA ASP A 75 6.16 9.60 11.35
C ASP A 75 5.81 11.03 11.72
N ALA A 76 4.83 11.63 11.06
CA ALA A 76 4.45 13.01 11.41
C ALA A 76 3.80 13.02 12.80
N ILE A 77 3.11 11.94 13.14
CA ILE A 77 2.45 11.82 14.44
C ILE A 77 3.54 11.74 15.51
N ALA A 78 4.53 10.88 15.25
CA ALA A 78 5.65 10.69 16.18
C ALA A 78 6.48 11.96 16.38
N ARG A 79 6.44 12.88 15.41
CA ARG A 79 7.17 14.14 15.56
C ARG A 79 6.37 15.19 16.33
N GLY A 80 5.09 14.89 16.59
CA GLY A 80 4.19 15.81 17.26
C GLY A 80 3.53 16.82 16.33
N GLU A 81 3.58 16.55 15.03
CA GLU A 81 3.04 17.47 14.02
C GLU A 81 1.58 17.31 13.72
N ILE A 82 1.08 16.11 14.00
CA ILE A 82 -0.27 15.73 13.66
C ILE A 82 -0.74 14.69 14.67
N SER A 83 -2.05 14.61 14.88
CA SER A 83 -2.65 13.60 15.76
C SER A 83 -3.83 12.96 15.04
N LEU A 84 -3.95 11.64 15.14
CA LEU A 84 -5.07 10.91 14.53
C LEU A 84 -6.43 11.28 15.14
N ASP A 85 -6.42 11.87 16.34
CA ASP A 85 -7.65 12.24 17.00
C ASP A 85 -8.10 13.66 16.65
N ASP A 86 -7.25 14.37 15.90
CA ASP A 86 -7.58 15.73 15.47
C ASP A 86 -8.64 15.74 14.39
N ALA A 87 -9.49 16.78 14.44
CA ALA A 87 -10.50 16.99 13.44
C ALA A 87 -9.75 17.34 12.14
N VAL A 88 -10.25 16.84 11.01
CA VAL A 88 -9.68 17.12 9.69
C VAL A 88 -9.52 18.63 9.51
N THR A 89 -10.53 19.34 9.99
CA THR A 89 -10.65 20.77 9.89
C THR A 89 -9.46 21.56 10.48
N ARG A 90 -8.75 20.99 11.47
CA ARG A 90 -7.57 21.64 12.08
C ARG A 90 -6.50 21.85 11.01
N TYR A 91 -6.52 21.00 10.01
CA TYR A 91 -5.55 21.07 8.92
C TYR A 91 -6.07 21.73 7.66
N TRP A 92 -7.37 22.02 7.63
CA TRP A 92 -8.01 22.66 6.49
C TRP A 92 -9.13 23.59 7.02
N PRO A 93 -8.77 24.76 7.56
CA PRO A 93 -9.83 25.64 8.08
C PRO A 93 -10.90 26.09 7.07
N GLN A 94 -10.64 25.86 5.78
CA GLN A 94 -11.56 26.24 4.73
C GLN A 94 -12.67 25.23 4.58
N LEU A 95 -12.46 24.02 5.10
CA LEU A 95 -13.48 22.95 5.06
C LEU A 95 -14.46 23.34 6.16
N THR A 96 -15.38 24.25 5.85
CA THR A 96 -16.32 24.76 6.85
C THR A 96 -17.63 24.01 6.96
N GLY A 97 -17.85 23.05 6.07
CA GLY A 97 -19.10 22.31 6.11
C GLY A 97 -19.25 21.62 7.45
N LYS A 98 -20.40 21.82 8.09
CA LYS A 98 -20.69 21.24 9.39
C LYS A 98 -20.76 19.70 9.41
N GLN A 99 -20.85 19.07 8.24
CA GLN A 99 -20.87 17.61 8.17
C GLN A 99 -19.50 17.02 8.54
N TRP A 100 -18.46 17.86 8.52
CA TRP A 100 -17.12 17.41 8.85
C TRP A 100 -16.86 17.46 10.34
N GLN A 101 -17.75 18.13 11.07
CA GLN A 101 -17.59 18.32 12.51
C GLN A 101 -17.00 17.19 13.34
N GLY A 102 -17.59 15.99 13.33
CA GLY A 102 -16.99 14.94 14.15
C GLY A 102 -16.02 14.00 13.44
N ILE A 103 -15.57 14.38 12.25
CA ILE A 103 -14.68 13.54 11.44
C ILE A 103 -13.21 13.81 11.77
N ARG A 104 -12.48 12.76 12.17
CA ARG A 104 -11.07 12.87 12.56
C ARG A 104 -10.09 12.44 11.46
N MET A 105 -8.83 12.79 11.64
CA MET A 105 -7.77 12.39 10.72
C MET A 105 -7.73 10.86 10.67
N LEU A 106 -8.03 10.18 11.77
CA LEU A 106 -8.07 8.71 11.81
C LEU A 106 -9.05 8.18 10.76
N ASP A 107 -10.25 8.77 10.72
CA ASP A 107 -11.28 8.35 9.77
C ASP A 107 -10.79 8.50 8.32
N LEU A 108 -10.19 9.64 7.97
CA LEU A 108 -9.65 9.80 6.61
C LEU A 108 -8.64 8.70 6.33
N ALA A 109 -7.73 8.50 7.29
CA ALA A 109 -6.68 7.51 7.17
C ALA A 109 -7.17 6.08 7.01
N THR A 110 -8.30 5.77 7.65
CA THR A 110 -8.83 4.41 7.68
C THR A 110 -10.15 4.11 6.95
N TYR A 111 -10.56 5.01 6.04
CA TYR A 111 -11.77 4.90 5.18
C TYR A 111 -13.07 4.80 5.97
N THR A 112 -13.07 5.49 7.10
CA THR A 112 -14.16 5.43 8.05
C THR A 112 -14.92 6.79 8.27
N ALA A 113 -14.68 7.76 7.39
CA ALA A 113 -15.32 9.08 7.51
C ALA A 113 -16.84 9.07 7.39
N GLY A 114 -17.36 8.12 6.63
CA GLY A 114 -18.80 8.00 6.44
C GLY A 114 -19.34 7.89 5.03
N GLY A 115 -18.55 7.34 4.10
CA GLY A 115 -19.01 7.20 2.73
C GLY A 115 -18.25 7.95 1.64
N LEU A 116 -17.08 8.50 1.96
CA LEU A 116 -16.25 9.16 0.95
C LEU A 116 -16.12 8.10 -0.17
N PRO A 117 -16.33 8.51 -1.44
CA PRO A 117 -16.25 7.55 -2.53
C PRO A 117 -14.89 6.99 -2.91
N LEU A 118 -14.95 5.95 -3.72
CA LEU A 118 -13.75 5.25 -4.15
C LEU A 118 -12.72 6.18 -4.76
N GLN A 119 -13.16 7.03 -5.68
CA GLN A 119 -12.25 7.92 -6.37
C GLN A 119 -12.59 9.40 -6.22
N VAL A 120 -11.58 10.25 -6.36
CA VAL A 120 -11.80 11.70 -6.38
C VAL A 120 -12.32 11.89 -7.81
N PRO A 121 -13.45 12.61 -8.00
CA PRO A 121 -13.97 12.80 -9.36
C PRO A 121 -12.92 13.38 -10.32
N ASP A 122 -13.05 13.03 -11.60
CA ASP A 122 -12.14 13.52 -12.64
C ASP A 122 -12.24 15.04 -12.84
N GLU A 123 -13.43 15.58 -12.62
CA GLU A 123 -13.66 17.01 -12.69
C GLU A 123 -12.77 17.75 -11.69
N VAL A 124 -12.37 17.07 -10.61
CA VAL A 124 -11.52 17.72 -9.61
C VAL A 124 -10.11 17.83 -10.15
N THR A 125 -9.71 19.05 -10.51
CA THR A 125 -8.41 19.26 -11.12
C THR A 125 -7.52 20.16 -10.33
N ASP A 126 -8.04 20.75 -9.26
CA ASP A 126 -7.23 21.63 -8.46
C ASP A 126 -7.71 21.77 -7.05
N ASN A 127 -7.00 22.60 -6.34
CA ASN A 127 -7.29 22.89 -4.97
C ASN A 127 -8.69 23.39 -4.68
N ALA A 128 -9.10 24.42 -5.40
CA ALA A 128 -10.41 25.00 -5.18
C ALA A 128 -11.52 23.99 -5.50
N SER A 129 -11.33 23.16 -6.52
CA SER A 129 -12.34 22.16 -6.86
C SER A 129 -12.32 21.00 -5.86
N LEU A 130 -11.13 20.71 -5.32
CA LEU A 130 -11.01 19.67 -4.30
C LEU A 130 -11.87 20.12 -3.10
N LEU A 131 -11.76 21.40 -2.73
CA LEU A 131 -12.55 21.98 -1.64
C LEU A 131 -14.03 21.83 -1.97
N ARG A 132 -14.42 22.23 -3.18
CA ARG A 132 -15.83 22.13 -3.61
C ARG A 132 -16.34 20.71 -3.37
N PHE A 133 -15.54 19.74 -3.78
CA PHE A 133 -15.87 18.32 -3.65
C PHE A 133 -16.13 17.88 -2.20
N TYR A 134 -15.16 18.06 -1.29
CA TYR A 134 -15.40 17.65 0.10
C TYR A 134 -16.47 18.51 0.76
N GLN A 135 -16.51 19.79 0.38
CA GLN A 135 -17.53 20.67 0.92
C GLN A 135 -18.93 20.21 0.52
N ASN A 136 -19.13 19.70 -0.70
CA ASN A 136 -20.48 19.27 -1.02
C ASN A 136 -20.77 17.80 -0.70
N TRP A 137 -19.76 17.06 -0.24
CA TRP A 137 -19.99 15.64 0.10
C TRP A 137 -20.96 15.47 1.27
N GLN A 138 -21.96 14.62 1.10
CA GLN A 138 -22.92 14.36 2.16
C GLN A 138 -22.73 12.89 2.59
N PRO A 139 -22.23 12.70 3.82
CA PRO A 139 -21.97 11.37 4.37
C PRO A 139 -23.22 10.51 4.53
N GLN A 140 -23.11 9.27 4.07
CA GLN A 140 -24.21 8.32 4.17
C GLN A 140 -24.26 7.79 5.59
N TRP A 141 -23.10 7.68 6.23
CA TRP A 141 -23.06 7.15 7.59
C TRP A 141 -22.36 8.08 8.54
N LYS A 142 -22.66 7.95 9.83
CA LYS A 142 -21.98 8.73 10.87
C LYS A 142 -20.51 8.30 10.90
N PRO A 143 -19.59 9.16 11.37
CA PRO A 143 -18.17 8.78 11.40
C PRO A 143 -17.88 7.57 12.31
N GLY A 144 -16.88 6.77 11.94
CA GLY A 144 -16.51 5.64 12.76
C GLY A 144 -17.48 4.47 12.83
N THR A 145 -18.31 4.29 11.81
CA THR A 145 -19.26 3.18 11.83
C THR A 145 -19.16 2.26 10.61
N THR A 146 -18.72 2.82 9.48
CA THR A 146 -18.66 2.06 8.25
C THR A 146 -17.35 2.24 7.50
N ARG A 147 -16.71 1.14 7.13
CA ARG A 147 -15.47 1.23 6.34
C ARG A 147 -15.83 1.10 4.86
N LEU A 148 -15.47 2.10 4.06
CA LEU A 148 -15.67 2.05 2.62
C LEU A 148 -14.34 2.43 1.98
N TYR A 149 -13.71 1.45 1.34
CA TYR A 149 -12.40 1.65 0.73
C TYR A 149 -12.41 2.84 -0.24
N ALA A 150 -11.59 3.85 0.05
CA ALA A 150 -11.59 5.06 -0.76
C ALA A 150 -10.27 5.81 -0.88
N ASN A 151 -9.94 6.17 -2.11
CA ASN A 151 -8.74 6.95 -2.39
C ASN A 151 -9.02 8.40 -1.96
N ALA A 152 -10.29 8.82 -2.05
CA ALA A 152 -10.71 10.17 -1.65
C ALA A 152 -10.52 10.38 -0.15
N SER A 153 -10.54 9.28 0.60
CA SER A 153 -10.37 9.32 2.03
C SER A 153 -8.89 9.36 2.40
N ILE A 154 -8.18 8.26 2.18
CA ILE A 154 -6.76 8.24 2.51
C ILE A 154 -5.92 9.25 1.73
N GLY A 155 -6.34 9.57 0.51
CA GLY A 155 -5.60 10.56 -0.26
C GLY A 155 -5.60 11.93 0.41
N LEU A 156 -6.70 12.30 1.05
CA LEU A 156 -6.81 13.60 1.74
C LEU A 156 -5.98 13.56 3.03
N PHE A 157 -6.03 12.42 3.73
CA PHE A 157 -5.23 12.25 4.95
C PHE A 157 -3.75 12.48 4.59
N GLY A 158 -3.33 12.00 3.42
CA GLY A 158 -1.95 12.14 3.01
C GLY A 158 -1.59 13.59 2.78
N ALA A 159 -2.42 14.30 2.02
CA ALA A 159 -2.17 15.71 1.73
C ALA A 159 -2.12 16.57 3.00
N LEU A 160 -3.10 16.37 3.87
CA LEU A 160 -3.23 17.12 5.12
C LEU A 160 -2.13 16.80 6.15
N ALA A 161 -1.71 15.55 6.21
CA ALA A 161 -0.69 15.11 7.16
C ALA A 161 0.67 15.78 6.97
N VAL A 162 0.99 16.23 5.76
CA VAL A 162 2.30 16.84 5.51
C VAL A 162 2.27 18.35 5.63
N LYS A 163 1.07 18.91 5.83
CA LYS A 163 0.93 20.35 5.95
C LYS A 163 1.76 21.03 7.05
N PRO A 164 1.79 20.46 8.26
CA PRO A 164 2.59 21.11 9.30
C PRO A 164 4.09 21.10 9.02
N SER A 165 4.57 20.16 8.22
CA SER A 165 6.01 20.09 7.93
C SER A 165 6.44 21.24 7.03
N GLY A 166 5.49 21.83 6.30
CA GLY A 166 5.79 22.91 5.39
C GLY A 166 6.31 22.43 4.04
N MET A 167 6.46 21.12 3.87
CA MET A 167 6.97 20.57 2.63
C MET A 167 5.87 19.95 1.77
N PRO A 168 6.06 20.01 0.44
CA PRO A 168 5.09 19.43 -0.50
C PRO A 168 5.19 17.93 -0.26
N TYR A 169 4.08 17.22 -0.46
CA TYR A 169 4.03 15.78 -0.21
C TYR A 169 5.22 14.97 -0.75
N GLU A 170 5.59 15.20 -2.00
CA GLU A 170 6.67 14.44 -2.61
C GLU A 170 7.99 14.63 -1.87
N GLN A 171 8.29 15.87 -1.50
CA GLN A 171 9.52 16.16 -0.79
C GLN A 171 9.47 15.65 0.66
N ALA A 172 8.30 15.70 1.30
CA ALA A 172 8.16 15.16 2.65
C ALA A 172 8.47 13.65 2.62
N MET A 173 7.89 12.96 1.65
CA MET A 173 8.08 11.51 1.49
C MET A 173 9.53 11.11 1.24
N THR A 174 10.18 11.82 0.32
CA THR A 174 11.55 11.54 -0.04
C THR A 174 12.50 11.83 1.12
N THR A 175 12.29 12.98 1.76
CA THR A 175 13.15 13.38 2.87
C THR A 175 13.03 12.55 4.14
N ARG A 176 11.81 12.19 4.53
CA ARG A 176 11.58 11.48 5.79
C ARG A 176 11.38 9.96 5.76
N VAL A 177 11.09 9.37 4.60
CA VAL A 177 10.92 7.93 4.49
C VAL A 177 11.86 7.27 3.47
N LEU A 178 11.80 7.70 2.22
CA LEU A 178 12.63 7.11 1.16
C LEU A 178 14.15 7.26 1.34
N LYS A 179 14.64 8.48 1.46
CA LYS A 179 16.10 8.66 1.65
C LYS A 179 16.70 7.98 2.90
N PRO A 180 16.10 8.16 4.09
CA PRO A 180 16.69 7.50 5.27
C PRO A 180 16.75 5.98 5.12
N LEU A 181 15.74 5.40 4.47
CA LEU A 181 15.69 3.95 4.26
C LEU A 181 16.46 3.52 3.03
N LYS A 182 17.16 4.46 2.42
CA LYS A 182 17.92 4.17 1.21
C LYS A 182 17.07 3.58 0.07
N LEU A 183 15.86 4.11 -0.12
CA LEU A 183 15.02 3.65 -1.22
C LEU A 183 15.23 4.66 -2.36
N ASP A 184 16.41 4.59 -2.95
CA ASP A 184 16.84 5.50 -3.99
C ASP A 184 16.22 5.35 -5.37
N HIS A 185 15.51 4.24 -5.60
CA HIS A 185 14.83 3.98 -6.86
C HIS A 185 13.33 3.77 -6.63
N THR A 186 12.80 4.57 -5.71
CA THR A 186 11.38 4.58 -5.41
C THR A 186 10.93 5.98 -5.80
N TRP A 187 9.94 6.07 -6.70
CA TRP A 187 9.50 7.35 -7.26
C TRP A 187 8.01 7.62 -7.36
N ILE A 188 7.66 8.88 -7.09
CA ILE A 188 6.30 9.37 -7.29
C ILE A 188 6.31 9.84 -8.74
N ASN A 189 7.40 10.52 -9.14
CA ASN A 189 7.58 10.98 -10.52
C ASN A 189 8.93 10.39 -10.94
N VAL A 190 8.92 9.57 -11.98
CA VAL A 190 10.12 8.90 -12.45
C VAL A 190 10.92 9.83 -13.36
N PRO A 191 12.19 10.11 -13.01
CA PRO A 191 12.97 11.00 -13.86
C PRO A 191 13.14 10.42 -15.26
N LYS A 192 13.47 11.31 -16.19
CA LYS A 192 13.70 11.01 -17.59
C LYS A 192 14.80 9.93 -17.72
N ALA A 193 15.84 10.06 -16.91
CA ALA A 193 16.96 9.14 -16.96
C ALA A 193 16.68 7.73 -16.43
N GLU A 194 15.65 7.59 -15.61
CA GLU A 194 15.30 6.31 -15.01
C GLU A 194 14.25 5.55 -15.83
N GLU A 195 13.68 6.26 -16.79
CA GLU A 195 12.64 5.73 -17.66
C GLU A 195 12.94 4.41 -18.36
N ALA A 196 14.16 4.20 -18.81
CA ALA A 196 14.48 2.94 -19.48
C ALA A 196 14.24 1.73 -18.56
N HIS A 197 14.14 1.96 -17.26
CA HIS A 197 13.87 0.89 -16.29
C HIS A 197 12.37 0.62 -16.10
N TYR A 198 11.57 1.59 -16.48
CA TYR A 198 10.12 1.52 -16.35
C TYR A 198 9.49 0.49 -17.29
N ALA A 199 8.89 -0.54 -16.72
CA ALA A 199 8.23 -1.55 -17.52
C ALA A 199 6.93 -0.98 -18.07
N TRP A 200 6.38 -1.65 -19.08
CA TRP A 200 5.09 -1.26 -19.63
C TRP A 200 4.08 -2.18 -19.01
N GLY A 201 2.90 -1.65 -18.68
CA GLY A 201 1.84 -2.48 -18.14
C GLY A 201 1.09 -3.10 -19.31
N TYR A 202 0.37 -4.20 -19.09
CA TYR A 202 -0.38 -4.85 -20.16
C TYR A 202 -1.78 -5.19 -19.67
N ARG A 203 -2.80 -4.67 -20.35
CA ARG A 203 -4.17 -4.94 -19.93
C ARG A 203 -4.77 -6.10 -20.69
N ASP A 204 -5.33 -5.82 -21.86
CA ASP A 204 -5.89 -6.89 -22.66
C ASP A 204 -5.19 -6.72 -24.02
N GLY A 205 -3.87 -6.85 -23.95
CA GLY A 205 -3.05 -6.71 -25.14
C GLY A 205 -2.50 -5.31 -25.41
N LYS A 206 -2.95 -4.32 -24.65
CA LYS A 206 -2.50 -2.94 -24.87
C LYS A 206 -1.44 -2.57 -23.84
N ALA A 207 -0.38 -1.89 -24.28
CA ALA A 207 0.64 -1.42 -23.35
C ALA A 207 0.03 -0.20 -22.63
N VAL A 208 0.07 -0.20 -21.29
CA VAL A 208 -0.49 0.89 -20.49
C VAL A 208 0.36 1.26 -19.26
N ARG A 209 0.21 2.50 -18.81
CA ARG A 209 0.87 3.04 -17.62
C ARG A 209 -0.16 3.90 -16.93
N VAL A 210 0.09 4.23 -15.67
CA VAL A 210 -0.84 5.00 -14.87
C VAL A 210 -0.97 6.47 -15.29
N SER A 211 -2.21 6.94 -15.34
CA SER A 211 -2.52 8.32 -15.70
C SER A 211 -2.53 9.20 -14.44
N PRO A 212 -2.35 10.52 -14.61
CA PRO A 212 -2.35 11.41 -13.45
C PRO A 212 -3.75 11.63 -12.89
N GLY A 213 -3.81 12.08 -11.65
CA GLY A 213 -5.07 12.35 -10.99
C GLY A 213 -4.81 13.06 -9.69
N MET A 214 -5.80 13.76 -9.17
CA MET A 214 -5.67 14.48 -7.91
C MET A 214 -5.40 13.51 -6.76
N LEU A 215 -4.39 13.82 -5.95
CA LEU A 215 -4.02 12.96 -4.81
C LEU A 215 -3.49 11.58 -5.26
N ASP A 216 -2.92 11.50 -6.46
CA ASP A 216 -2.37 10.24 -6.93
C ASP A 216 -1.13 9.76 -6.18
N ALA A 217 -0.26 10.67 -5.79
CA ALA A 217 0.95 10.28 -5.06
C ALA A 217 0.58 9.68 -3.70
N GLN A 218 -0.50 10.20 -3.11
CA GLN A 218 -0.98 9.77 -1.80
C GLN A 218 -1.71 8.43 -1.82
N ALA A 219 -2.36 8.11 -2.94
CA ALA A 219 -3.13 6.88 -3.03
C ALA A 219 -2.65 5.77 -3.96
N TYR A 220 -2.04 6.10 -5.10
CA TYR A 220 -1.68 5.03 -6.03
C TYR A 220 -0.60 5.33 -7.05
N GLY A 221 0.20 6.37 -6.81
CA GLY A 221 1.20 6.74 -7.80
C GLY A 221 2.65 6.34 -7.68
N VAL A 222 3.00 5.51 -6.68
CA VAL A 222 4.39 5.12 -6.47
C VAL A 222 4.92 3.99 -7.37
N LYS A 223 6.14 4.16 -7.87
CA LYS A 223 6.80 3.13 -8.68
C LYS A 223 8.14 2.79 -8.04
N THR A 224 8.49 1.50 -8.03
CA THR A 224 9.75 1.01 -7.46
C THR A 224 10.21 -0.25 -8.18
N ASN A 225 11.37 -0.75 -7.75
CA ASN A 225 11.87 -2.01 -8.26
C ASN A 225 11.75 -3.02 -7.12
N VAL A 226 12.03 -4.30 -7.38
CA VAL A 226 11.89 -5.31 -6.34
C VAL A 226 12.93 -5.21 -5.21
N GLN A 227 14.03 -4.48 -5.44
CA GLN A 227 15.06 -4.33 -4.42
C GLN A 227 14.57 -3.36 -3.36
N ASP A 228 14.21 -2.15 -3.78
CA ASP A 228 13.64 -1.17 -2.85
C ASP A 228 12.44 -1.76 -2.12
N MET A 229 11.54 -2.43 -2.85
CA MET A 229 10.36 -3.01 -2.22
C MET A 229 10.68 -4.08 -1.19
N ALA A 230 11.76 -4.84 -1.39
CA ALA A 230 12.15 -5.89 -0.43
C ALA A 230 12.70 -5.19 0.82
N ASN A 231 13.53 -4.18 0.62
CA ASN A 231 14.08 -3.42 1.76
C ASN A 231 13.00 -2.61 2.49
N TRP A 232 11.95 -2.21 1.78
CA TRP A 232 10.82 -1.51 2.38
C TRP A 232 10.10 -2.50 3.29
N VAL A 233 9.85 -3.70 2.75
CA VAL A 233 9.19 -4.76 3.52
C VAL A 233 10.03 -5.12 4.75
N MET A 234 11.36 -5.17 4.58
CA MET A 234 12.23 -5.49 5.71
C MET A 234 12.21 -4.43 6.80
N ALA A 235 11.98 -3.17 6.44
CA ALA A 235 11.93 -2.11 7.44
C ALA A 235 10.63 -2.20 8.26
N ASN A 236 9.55 -2.52 7.57
CA ASN A 236 8.23 -2.63 8.19
C ASN A 236 8.08 -3.88 9.06
N MET A 237 8.76 -4.95 8.66
CA MET A 237 8.75 -6.23 9.37
C MET A 237 9.62 -6.19 10.64
N ALA A 238 10.79 -5.55 10.54
CA ALA A 238 11.73 -5.43 11.66
C ALA A 238 12.15 -3.95 11.87
N PRO A 239 11.25 -3.09 12.37
CA PRO A 239 11.57 -1.66 12.58
C PRO A 239 12.57 -1.39 13.71
N GLU A 240 12.90 -2.42 14.47
CA GLU A 240 13.86 -2.35 15.56
C GLU A 240 15.20 -1.97 14.92
N ASN A 241 15.32 -2.33 13.65
CA ASN A 241 16.51 -2.06 12.85
C ASN A 241 16.51 -0.68 12.18
N VAL A 242 15.45 0.09 12.40
CA VAL A 242 15.37 1.44 11.84
C VAL A 242 15.93 2.41 12.87
N ALA A 243 16.97 3.15 12.50
CA ALA A 243 17.62 4.05 13.43
C ALA A 243 16.86 5.34 13.77
N ASP A 244 16.21 5.95 12.79
CA ASP A 244 15.45 7.18 13.02
C ASP A 244 14.30 6.96 14.02
N ALA A 245 14.36 7.64 15.16
CA ALA A 245 13.36 7.48 16.23
C ALA A 245 11.89 7.64 15.82
N SER A 246 11.55 8.73 15.13
CA SER A 246 10.17 8.94 14.72
C SER A 246 9.75 8.03 13.56
N LEU A 247 10.66 7.75 12.65
CA LEU A 247 10.35 6.87 11.52
C LEU A 247 10.05 5.44 12.04
N LYS A 248 10.75 5.06 13.10
CA LYS A 248 10.61 3.76 13.79
C LYS A 248 9.17 3.74 14.39
N GLN A 249 8.80 4.85 15.02
CA GLN A 249 7.45 4.96 15.60
C GLN A 249 6.35 5.02 14.56
N GLY A 250 6.62 5.72 13.45
CA GLY A 250 5.63 5.83 12.39
C GLY A 250 5.34 4.46 11.80
N ILE A 251 6.38 3.65 11.66
CA ILE A 251 6.21 2.29 11.15
C ILE A 251 5.26 1.53 12.09
N ALA A 252 5.49 1.64 13.40
CA ALA A 252 4.66 0.97 14.40
C ALA A 252 3.21 1.44 14.32
N LEU A 253 3.02 2.76 14.20
CA LEU A 253 1.67 3.33 14.13
C LEU A 253 0.85 2.86 12.93
N ALA A 254 1.52 2.60 11.82
CA ALA A 254 0.89 2.16 10.57
C ALA A 254 0.47 0.70 10.61
N GLN A 255 1.14 -0.06 11.46
CA GLN A 255 0.82 -1.47 11.66
C GLN A 255 -0.06 -1.69 12.90
N SER A 256 -0.49 -0.59 13.52
CA SER A 256 -1.38 -0.65 14.67
C SER A 256 -2.83 -0.96 14.26
N ARG A 257 -3.58 -1.61 15.14
CA ARG A 257 -4.98 -1.98 14.86
C ARG A 257 -5.99 -0.91 15.30
N TYR A 258 -6.64 -0.25 14.34
CA TYR A 258 -7.63 0.80 14.63
C TYR A 258 -9.10 0.37 14.60
N TRP A 259 -9.40 -0.59 13.72
CA TRP A 259 -10.75 -1.11 13.51
C TRP A 259 -10.68 -2.58 13.12
N ARG A 260 -11.68 -3.36 13.54
CA ARG A 260 -11.81 -4.77 13.17
C ARG A 260 -13.01 -4.85 12.21
N ILE A 261 -12.80 -5.48 11.07
CA ILE A 261 -13.82 -5.68 10.06
C ILE A 261 -13.75 -7.17 9.77
N GLY A 262 -14.69 -7.93 10.32
CA GLY A 262 -14.67 -9.36 10.12
C GLY A 262 -13.41 -9.93 10.75
N SER A 263 -12.63 -10.65 9.95
CA SER A 263 -11.40 -11.26 10.40
C SER A 263 -10.10 -10.44 10.21
N MET A 264 -10.23 -9.20 9.75
CA MET A 264 -9.06 -8.36 9.48
C MET A 264 -9.07 -7.08 10.32
N TYR A 265 -7.92 -6.42 10.39
CA TYR A 265 -7.78 -5.18 11.13
C TYR A 265 -7.13 -4.12 10.26
N GLN A 266 -7.72 -2.94 10.30
CA GLN A 266 -7.24 -1.81 9.52
C GLN A 266 -6.13 -1.03 10.21
N GLY A 267 -5.01 -0.85 9.49
CA GLY A 267 -3.90 -0.06 10.01
C GLY A 267 -3.89 1.24 9.21
N LEU A 268 -2.71 1.85 9.03
CA LEU A 268 -2.55 3.06 8.23
C LEU A 268 -1.84 2.54 6.97
N GLY A 269 -2.62 2.32 5.91
CA GLY A 269 -2.07 1.74 4.70
C GLY A 269 -2.15 0.22 4.81
N TRP A 270 -1.38 -0.34 5.74
CA TRP A 270 -1.35 -1.78 5.96
C TRP A 270 -2.67 -2.32 6.54
N GLU A 271 -2.90 -3.61 6.35
CA GLU A 271 -4.07 -4.32 6.88
C GLU A 271 -3.47 -5.57 7.47
N MET A 272 -4.09 -6.10 8.51
CA MET A 272 -3.55 -7.27 9.20
C MET A 272 -4.65 -8.24 9.61
N LEU A 273 -4.23 -9.48 9.82
CA LEU A 273 -5.08 -10.54 10.34
C LEU A 273 -4.18 -11.23 11.37
N ASN A 274 -4.77 -11.86 12.38
CA ASN A 274 -3.96 -12.53 13.40
C ASN A 274 -3.40 -13.79 12.76
N TRP A 275 -2.17 -14.14 13.17
CA TRP A 275 -1.47 -15.32 12.69
C TRP A 275 -1.50 -16.29 13.87
N PRO A 276 -1.74 -17.60 13.61
CA PRO A 276 -1.99 -18.27 12.33
C PRO A 276 -3.32 -17.93 11.71
N VAL A 277 -3.33 -17.83 10.39
CA VAL A 277 -4.58 -17.60 9.68
C VAL A 277 -4.51 -18.57 8.50
N GLU A 278 -5.65 -19.16 8.14
CA GLU A 278 -5.67 -20.11 7.02
C GLU A 278 -5.82 -19.34 5.70
N ALA A 279 -5.37 -19.95 4.60
CA ALA A 279 -5.45 -19.35 3.27
C ALA A 279 -6.87 -18.92 2.90
N ASN A 280 -7.86 -19.78 3.13
CA ASN A 280 -9.24 -19.43 2.75
C ASN A 280 -9.76 -18.13 3.36
N THR A 281 -9.36 -17.80 4.58
CA THR A 281 -9.82 -16.55 5.20
C THR A 281 -9.20 -15.32 4.54
N VAL A 282 -7.89 -15.36 4.29
CA VAL A 282 -7.21 -14.25 3.60
C VAL A 282 -7.74 -14.12 2.17
N VAL A 283 -7.81 -15.24 1.46
CA VAL A 283 -8.29 -15.26 0.08
C VAL A 283 -9.72 -14.76 -0.09
N GLU A 284 -10.61 -15.08 0.85
CA GLU A 284 -11.97 -14.62 0.73
C GLU A 284 -12.18 -13.10 0.89
N GLY A 285 -11.31 -12.44 1.64
CA GLY A 285 -11.39 -10.99 1.74
C GLY A 285 -10.65 -10.28 0.60
N SER A 286 -10.07 -11.06 -0.31
CA SER A 286 -9.30 -10.56 -1.46
C SER A 286 -10.12 -10.08 -2.63
N ASP A 287 -11.29 -10.67 -2.70
CA ASP A 287 -12.32 -10.45 -3.69
C ASP A 287 -12.72 -8.96 -3.79
N SER A 288 -13.04 -8.48 -5.00
CA SER A 288 -13.45 -7.08 -5.17
C SER A 288 -14.83 -6.82 -4.56
N LYS A 289 -15.73 -7.79 -4.71
CA LYS A 289 -17.09 -7.70 -4.17
C LYS A 289 -16.99 -7.39 -2.70
N VAL A 290 -15.94 -7.92 -2.07
CA VAL A 290 -15.72 -7.71 -0.65
C VAL A 290 -14.85 -6.49 -0.36
N ALA A 291 -13.68 -6.42 -1.01
CA ALA A 291 -12.73 -5.33 -0.77
C ALA A 291 -13.31 -3.94 -0.94
N LEU A 292 -14.29 -3.82 -1.85
CA LEU A 292 -14.97 -2.56 -2.15
C LEU A 292 -16.33 -2.33 -1.48
N ALA A 293 -16.80 -3.27 -0.67
CA ALA A 293 -18.12 -3.15 -0.05
C ALA A 293 -18.09 -2.28 1.21
N PRO A 294 -19.18 -1.54 1.48
CA PRO A 294 -19.14 -0.74 2.71
C PRO A 294 -19.45 -1.74 3.82
N LEU A 295 -18.67 -1.78 4.88
CA LEU A 295 -18.87 -2.76 5.96
C LEU A 295 -18.78 -2.11 7.34
N PRO A 296 -19.56 -2.61 8.33
CA PRO A 296 -19.50 -2.03 9.67
C PRO A 296 -18.16 -2.35 10.36
N VAL A 297 -17.78 -1.48 11.28
CA VAL A 297 -16.52 -1.63 11.99
C VAL A 297 -16.72 -1.72 13.49
N ALA A 298 -15.77 -2.38 14.15
CA ALA A 298 -15.76 -2.51 15.60
C ALA A 298 -14.51 -1.71 15.90
N GLU A 299 -14.67 -0.63 16.64
CA GLU A 299 -13.54 0.22 16.98
C GLU A 299 -12.60 -0.44 17.99
N VAL A 300 -11.30 -0.20 17.83
CA VAL A 300 -10.28 -0.68 18.76
C VAL A 300 -9.79 0.60 19.42
N ASN A 301 -10.25 0.92 20.62
CA ASN A 301 -9.85 2.13 21.27
C ASN A 301 -9.42 1.82 22.68
N PRO A 302 -8.16 2.14 23.04
CA PRO A 302 -7.13 2.78 22.18
C PRO A 302 -6.68 1.82 21.08
N PRO A 303 -6.05 2.35 20.02
CA PRO A 303 -5.61 1.42 18.97
C PRO A 303 -4.63 0.42 19.56
N ALA A 304 -4.64 -0.80 19.06
CA ALA A 304 -3.68 -1.76 19.58
C ALA A 304 -2.35 -1.64 18.83
N PRO A 305 -1.22 -1.56 19.57
CA PRO A 305 0.12 -1.46 18.96
C PRO A 305 0.40 -2.71 18.13
N PRO A 306 1.35 -2.66 17.17
CA PRO A 306 1.60 -3.86 16.35
C PRO A 306 1.71 -5.19 17.12
N VAL A 307 1.11 -6.25 16.59
CA VAL A 307 1.25 -7.57 17.22
C VAL A 307 2.10 -8.40 16.26
N LYS A 308 3.19 -8.95 16.77
CA LYS A 308 4.10 -9.75 15.96
C LYS A 308 3.48 -10.92 15.23
N ALA A 309 2.56 -11.61 15.90
CA ALA A 309 1.86 -12.74 15.31
C ALA A 309 0.72 -12.20 14.42
N SER A 310 1.10 -11.62 13.28
CA SER A 310 0.16 -11.06 12.31
C SER A 310 0.58 -11.37 10.88
N TRP A 311 -0.42 -11.46 10.01
CA TRP A 311 -0.18 -11.57 8.57
C TRP A 311 -0.47 -10.13 8.13
N VAL A 312 0.56 -9.37 7.77
CA VAL A 312 0.31 -8.01 7.33
C VAL A 312 0.53 -7.94 5.82
N HIS A 313 -0.41 -7.29 5.14
CA HIS A 313 -0.38 -7.29 3.69
C HIS A 313 -1.04 -6.11 3.03
N LYS A 314 -0.97 -6.07 1.71
CA LYS A 314 -1.62 -5.04 0.92
C LYS A 314 -1.47 -5.36 -0.56
N THR A 315 -2.59 -5.32 -1.26
CA THR A 315 -2.66 -5.52 -2.69
C THR A 315 -2.70 -4.14 -3.36
N GLY A 316 -2.24 -4.07 -4.60
CA GLY A 316 -2.30 -2.82 -5.32
C GLY A 316 -2.43 -3.11 -6.80
N SER A 317 -3.22 -2.30 -7.50
CA SER A 317 -3.38 -2.46 -8.95
C SER A 317 -3.61 -1.15 -9.65
N THR A 318 -3.12 -1.10 -10.89
CA THR A 318 -3.39 0.03 -11.77
C THR A 318 -3.91 -0.68 -13.02
N GLY A 319 -4.20 0.07 -14.07
CA GLY A 319 -4.70 -0.54 -15.30
C GLY A 319 -3.80 -1.66 -15.83
N GLY A 320 -2.49 -1.47 -15.76
CA GLY A 320 -1.57 -2.47 -16.26
C GLY A 320 -0.65 -3.20 -15.29
N PHE A 321 -0.82 -2.98 -13.98
CA PHE A 321 0.05 -3.65 -13.00
C PHE A 321 -0.71 -4.31 -11.85
N GLY A 322 -0.17 -5.41 -11.35
CA GLY A 322 -0.80 -6.14 -10.25
C GLY A 322 0.28 -6.49 -9.26
N SER A 323 0.24 -5.88 -8.08
CA SER A 323 1.25 -6.14 -7.05
C SER A 323 0.66 -6.61 -5.72
N TYR A 324 1.46 -7.31 -4.93
CA TYR A 324 1.04 -7.79 -3.61
C TYR A 324 2.25 -7.98 -2.69
N VAL A 325 2.09 -7.66 -1.40
CA VAL A 325 3.16 -7.84 -0.41
C VAL A 325 2.56 -8.38 0.87
N ALA A 326 3.24 -9.33 1.51
CA ALA A 326 2.73 -9.90 2.76
C ALA A 326 3.90 -10.34 3.62
N PHE A 327 3.84 -10.11 4.93
CA PHE A 327 4.89 -10.55 5.84
C PHE A 327 4.30 -10.94 7.19
N ILE A 328 5.04 -11.75 7.94
CA ILE A 328 4.62 -12.21 9.26
C ILE A 328 5.81 -11.88 10.19
N PRO A 329 5.74 -10.77 10.94
CA PRO A 329 6.80 -10.34 11.86
C PRO A 329 7.27 -11.46 12.79
N GLU A 330 6.33 -12.20 13.35
CA GLU A 330 6.65 -13.32 14.21
C GLU A 330 7.67 -14.26 13.58
N LYS A 331 7.48 -14.59 12.30
CA LYS A 331 8.34 -15.53 11.59
C LYS A 331 9.49 -14.93 10.80
N GLN A 332 9.53 -13.60 10.73
CA GLN A 332 10.54 -12.88 9.95
C GLN A 332 10.67 -13.39 8.52
N ILE A 333 9.52 -13.65 7.91
CA ILE A 333 9.44 -14.05 6.50
C ILE A 333 8.48 -13.08 5.83
N GLY A 334 8.66 -12.86 4.54
CA GLY A 334 7.81 -11.96 3.80
C GLY A 334 8.01 -12.18 2.33
N ILE A 335 7.10 -11.66 1.52
CA ILE A 335 7.19 -11.82 0.09
C ILE A 335 6.66 -10.59 -0.63
N VAL A 336 7.24 -10.34 -1.80
CA VAL A 336 6.86 -9.21 -2.64
C VAL A 336 6.65 -9.80 -4.03
N MET A 337 5.48 -9.57 -4.63
CA MET A 337 5.21 -10.05 -5.99
C MET A 337 4.79 -8.86 -6.88
N LEU A 338 5.68 -8.41 -7.75
CA LEU A 338 5.40 -7.30 -8.64
C LEU A 338 5.06 -7.81 -10.04
N ALA A 339 4.01 -7.29 -10.67
CA ALA A 339 3.65 -7.82 -11.98
C ALA A 339 3.14 -6.79 -12.96
N ASN A 340 3.49 -6.95 -14.24
CA ASN A 340 2.99 -5.99 -15.23
C ASN A 340 1.70 -6.45 -15.90
N THR A 341 0.80 -6.96 -15.07
CA THR A 341 -0.54 -7.35 -15.49
C THR A 341 -1.39 -7.43 -14.22
N SER A 342 -2.52 -6.72 -14.22
CA SER A 342 -3.40 -6.76 -13.07
C SER A 342 -4.24 -8.04 -13.09
N TYR A 343 -3.71 -9.13 -12.54
CA TYR A 343 -4.44 -10.40 -12.49
C TYR A 343 -5.23 -10.44 -11.17
N PRO A 344 -6.25 -11.31 -11.07
CA PRO A 344 -7.10 -11.46 -9.88
C PRO A 344 -6.39 -11.54 -8.53
N ASN A 345 -6.80 -10.66 -7.63
CA ASN A 345 -6.27 -10.56 -6.27
C ASN A 345 -6.25 -11.91 -5.53
N PRO A 346 -7.33 -12.71 -5.64
CA PRO A 346 -7.32 -14.00 -4.94
C PRO A 346 -6.17 -14.89 -5.40
N ALA A 347 -5.80 -14.77 -6.68
CA ALA A 347 -4.69 -15.55 -7.24
C ALA A 347 -3.38 -15.08 -6.61
N ARG A 348 -3.30 -13.77 -6.35
CA ARG A 348 -2.10 -13.17 -5.76
C ARG A 348 -1.88 -13.73 -4.37
N VAL A 349 -2.90 -13.60 -3.51
CA VAL A 349 -2.75 -14.09 -2.14
C VAL A 349 -2.56 -15.59 -2.03
N GLU A 350 -3.18 -16.35 -2.92
CA GLU A 350 -3.00 -17.81 -2.92
C GLU A 350 -1.52 -18.20 -3.10
N ALA A 351 -0.87 -17.58 -4.07
CA ALA A 351 0.52 -17.89 -4.39
C ALA A 351 1.47 -17.41 -3.28
N ALA A 352 1.21 -16.23 -2.77
CA ALA A 352 2.02 -15.67 -1.69
C ALA A 352 1.89 -16.59 -0.49
N TYR A 353 0.65 -17.00 -0.17
CA TYR A 353 0.44 -17.89 0.98
C TYR A 353 1.18 -19.20 0.76
N HIS A 354 1.02 -19.78 -0.42
CA HIS A 354 1.67 -21.06 -0.69
C HIS A 354 3.19 -21.01 -0.54
N ILE A 355 3.83 -19.96 -1.03
CA ILE A 355 5.27 -19.97 -0.90
C ILE A 355 5.73 -19.64 0.51
N LEU A 356 5.02 -18.75 1.19
CA LEU A 356 5.38 -18.44 2.58
C LEU A 356 5.14 -19.66 3.45
N GLU A 357 4.10 -20.44 3.13
CA GLU A 357 3.82 -21.64 3.91
C GLU A 357 4.96 -22.65 3.77
N ALA A 358 5.69 -22.61 2.66
CA ALA A 358 6.81 -23.52 2.44
C ALA A 358 7.98 -23.19 3.38
N LEU A 359 8.06 -21.93 3.80
CA LEU A 359 9.11 -21.51 4.73
C LEU A 359 8.63 -21.81 6.15
#